data_1SI6
#
_entry.id   1SI6
#
_cell.length_a   49.155
_cell.length_b   41.566
_cell.length_c   65.388
_cell.angle_alpha   90.00
_cell.angle_beta   95.48
_cell.angle_gamma   90.00
#
_symmetry.space_group_name_H-M   'P 1 21 1'
#
loop_
_entity.id
_entity.type
_entity.pdbx_description
1 polymer 'salivary nitrophorin'
2 non-polymer 'CARBON MONOXIDE'
3 non-polymer 'PROTOPORPHYRIN IX CONTAINING FE'
4 water water
#
_entity_poly.entity_id   1
_entity_poly.type   'polypeptide(L)'
_entity_poly.pdbx_seq_one_letter_code
;GSPPAQLSVHTVSWNSGHERAPTNLEELLGLNSGETPDVIAVAVQGFGFQTDKPQQGPACVKNFQSLLTSKGYTKLKNTI
TETMGLTVYCLEKHLDQNTLKNETIIVTVDDQKKSGGIVTSFTIYNKRFSFTTSRMSDEDVTSTNTKYAYDTRLDYSKKD
DPSDFLFWIGDLNVRVETNATHAKSLVDQNNIDGLMAFDQLKKAKEQKLFDGWTEPQVTFKPTYKFKPNTDEYDLSATPS
WTDRALYKSGTGKTIQPLSYNSLTNYKQTEHRPVLAKFRVTL
;
_entity_poly.pdbx_strand_id   X
#
# COMPACT_ATOMS: atom_id res chain seq x y z
N PRO A 3 9.10 -6.38 26.48
CA PRO A 3 8.76 -6.25 25.03
C PRO A 3 8.32 -7.54 24.36
N PRO A 4 7.33 -7.47 23.46
CA PRO A 4 6.66 -8.64 22.91
C PRO A 4 7.55 -9.40 21.94
N ALA A 5 7.32 -10.70 21.83
CA ALA A 5 7.99 -11.51 20.85
C ALA A 5 7.61 -11.01 19.45
N GLN A 6 6.30 -10.85 19.19
CA GLN A 6 5.80 -10.52 17.83
C GLN A 6 4.72 -9.42 17.83
N LEU A 7 4.50 -8.76 16.70
CA LEU A 7 3.43 -7.78 16.53
C LEU A 7 2.76 -8.08 15.20
N SER A 8 1.51 -7.67 15.05
CA SER A 8 0.78 -7.85 13.78
C SER A 8 0.58 -6.51 13.11
N VAL A 9 0.61 -6.53 11.78
CA VAL A 9 0.52 -5.34 10.98
C VAL A 9 -0.44 -5.68 9.88
N HIS A 10 -1.43 -4.80 9.72
CA HIS A 10 -2.31 -4.83 8.56
C HIS A 10 -2.04 -3.60 7.68
N THR A 11 -2.03 -3.79 6.37
CA THR A 11 -1.90 -2.70 5.41
C THR A 11 -2.98 -2.84 4.38
N VAL A 12 -3.49 -1.69 3.96
CA VAL A 12 -4.40 -1.67 2.83
C VAL A 12 -4.06 -0.55 1.92
N SER A 13 -4.10 -0.79 0.63
CA SER A 13 -4.00 0.26 -0.31
C SER A 13 -5.02 0.13 -1.40
N TRP A 14 -5.37 1.28 -1.93
CA TRP A 14 -6.38 1.37 -2.97
C TRP A 14 -6.15 2.54 -3.85
N ASN A 15 -6.11 2.29 -5.14
CA ASN A 15 -6.10 3.31 -6.12
C ASN A 15 -7.60 3.64 -6.31
N SER A 16 -8.07 4.57 -5.47
CA SER A 16 -9.50 4.87 -5.33
C SER A 16 -9.92 6.03 -6.26
N GLY A 17 -8.98 6.77 -6.82
CA GLY A 17 -9.32 7.80 -7.79
C GLY A 17 -10.11 8.94 -7.15
N HIS A 18 -11.36 9.10 -7.60
CA HIS A 18 -12.27 10.13 -7.12
C HIS A 18 -13.20 9.63 -6.02
N GLU A 19 -13.18 8.35 -5.68
CA GLU A 19 -14.22 7.87 -4.79
C GLU A 19 -13.99 8.25 -3.33
N ARG A 20 -15.09 8.44 -2.60
CA ARG A 20 -14.99 8.74 -1.17
C ARG A 20 -14.70 7.49 -0.37
N ALA A 21 -14.19 7.65 0.86
CA ALA A 21 -14.11 6.51 1.80
C ALA A 21 -15.48 5.85 2.03
N PRO A 22 -15.51 4.51 2.18
CA PRO A 22 -16.76 3.74 2.34
C PRO A 22 -17.19 3.40 3.77
N THR A 23 -18.43 2.97 3.96
CA THR A 23 -19.04 2.86 5.29
C THR A 23 -18.54 1.69 6.14
N ASN A 24 -18.30 0.53 5.52
CA ASN A 24 -17.79 -0.65 6.20
C ASN A 24 -16.26 -0.66 6.09
N LEU A 25 -15.65 -0.04 7.08
CA LEU A 25 -14.19 0.05 7.19
C LEU A 25 -13.59 -1.15 7.87
N GLU A 26 -14.36 -1.91 8.64
CA GLU A 26 -13.87 -3.12 9.23
C GLU A 26 -13.38 -4.12 8.21
N GLU A 27 -14.11 -4.31 7.12
CA GLU A 27 -13.68 -5.22 6.08
C GLU A 27 -12.39 -4.69 5.42
N LEU A 28 -12.39 -3.39 5.11
CA LEU A 28 -11.26 -2.70 4.47
C LEU A 28 -9.95 -2.89 5.26
N LEU A 29 -10.03 -2.87 6.58
CA LEU A 29 -8.84 -2.94 7.44
C LEU A 29 -8.55 -4.31 7.97
N GLY A 30 -9.36 -5.29 7.58
CA GLY A 30 -9.20 -6.65 8.01
C GLY A 30 -9.53 -6.88 9.50
N LEU A 31 -10.57 -6.18 10.00
CA LEU A 31 -11.00 -6.27 11.40
C LEU A 31 -12.33 -7.08 11.56
N ASN A 32 -12.90 -7.52 10.45
CA ASN A 32 -14.22 -8.19 10.41
C ASN A 32 -14.34 -9.59 10.95
N SER A 33 -13.22 -10.19 11.32
CA SER A 33 -13.23 -11.50 11.96
C SER A 33 -12.66 -11.37 13.38
N GLY A 34 -12.70 -10.13 13.89
CA GLY A 34 -12.28 -9.83 15.26
C GLY A 34 -10.79 -9.71 15.57
N GLU A 35 -9.95 -9.67 14.53
CA GLU A 35 -8.51 -9.52 14.75
C GLU A 35 -8.21 -8.13 15.27
N THR A 36 -7.10 -8.01 15.99
CA THR A 36 -6.69 -6.78 16.63
C THR A 36 -5.24 -6.47 16.33
N PRO A 37 -4.94 -6.01 15.11
CA PRO A 37 -3.56 -5.74 14.75
C PRO A 37 -2.95 -4.64 15.53
N ASP A 38 -1.65 -4.78 15.77
CA ASP A 38 -0.93 -3.73 16.47
C ASP A 38 -0.72 -2.45 15.70
N VAL A 39 -0.55 -2.56 14.39
CA VAL A 39 -0.31 -1.40 13.54
C VAL A 39 -1.19 -1.54 12.29
N ILE A 40 -1.81 -0.44 11.86
CA ILE A 40 -2.57 -0.39 10.57
C ILE A 40 -2.08 0.76 9.74
N ALA A 41 -1.81 0.49 8.46
CA ALA A 41 -1.46 1.53 7.52
C ALA A 41 -2.45 1.49 6.37
N VAL A 42 -2.88 2.67 5.97
CA VAL A 42 -3.84 2.87 4.90
C VAL A 42 -3.23 3.85 3.87
N ALA A 43 -3.10 3.41 2.61
CA ALA A 43 -2.58 4.19 1.50
C ALA A 43 -3.64 4.29 0.41
N VAL A 44 -3.84 5.49 -0.08
CA VAL A 44 -4.70 5.72 -1.24
C VAL A 44 -3.98 6.52 -2.29
N GLN A 45 -4.35 6.25 -3.54
CA GLN A 45 -3.94 7.06 -4.65
C GLN A 45 -5.19 7.54 -5.37
N GLY A 46 -5.17 8.79 -5.82
CA GLY A 46 -6.31 9.36 -6.51
C GLY A 46 -6.08 10.81 -6.87
N PHE A 47 -7.15 11.60 -6.75
CA PHE A 47 -7.10 12.92 -7.35
C PHE A 47 -7.69 13.92 -6.38
N GLY A 48 -6.91 14.97 -6.12
CA GLY A 48 -7.38 16.13 -5.38
C GLY A 48 -7.61 15.98 -3.90
N PHE A 49 -6.83 15.16 -3.19
CA PHE A 49 -7.05 15.00 -1.74
C PHE A 49 -6.77 16.28 -0.92
N GLN A 50 -5.61 16.90 -1.12
CA GLN A 50 -5.10 17.90 -0.18
C GLN A 50 -6.01 19.12 -0.11
N THR A 51 -6.43 19.57 -1.28
CA THR A 51 -7.33 20.71 -1.44
C THR A 51 -8.72 20.35 -0.97
N ASP A 52 -9.19 19.20 -1.45
CA ASP A 52 -10.46 18.62 -1.05
C ASP A 52 -11.68 19.44 -1.52
N LYS A 53 -11.88 19.55 -2.83
CA LYS A 53 -13.08 20.18 -3.40
C LYS A 53 -14.42 19.45 -3.17
N PRO A 54 -14.42 18.12 -2.99
CA PRO A 54 -15.63 17.42 -2.56
C PRO A 54 -15.88 17.42 -1.05
N GLN A 55 -15.01 18.05 -0.26
CA GLN A 55 -15.15 18.07 1.20
C GLN A 55 -15.47 16.69 1.81
N GLN A 56 -14.59 15.72 1.56
CA GLN A 56 -14.70 14.41 2.18
C GLN A 56 -13.65 14.22 3.27
N GLY A 57 -12.69 15.13 3.37
CA GLY A 57 -11.77 15.14 4.49
C GLY A 57 -12.44 14.93 5.83
N PRO A 58 -13.46 15.75 6.17
CA PRO A 58 -14.07 15.57 7.48
C PRO A 58 -14.74 14.25 7.66
N ALA A 59 -15.39 13.65 6.63
CA ALA A 59 -15.93 12.31 6.79
C ALA A 59 -14.82 11.28 6.97
N CYS A 60 -13.71 11.45 6.27
CA CYS A 60 -12.60 10.53 6.44
C CYS A 60 -12.23 10.46 7.92
N VAL A 61 -12.02 11.63 8.50
CA VAL A 61 -11.50 11.75 9.86
C VAL A 61 -12.57 11.26 10.80
N LYS A 62 -13.79 11.75 10.62
CA LYS A 62 -14.88 11.34 11.47
C LYS A 62 -15.03 9.83 11.51
N ASN A 63 -15.07 9.21 10.34
CA ASN A 63 -15.36 7.79 10.23
C ASN A 63 -14.21 6.87 10.64
N PHE A 64 -12.98 7.22 10.24
CA PHE A 64 -11.85 6.43 10.69
C PHE A 64 -11.62 6.58 12.18
N GLN A 65 -11.70 7.82 12.68
CA GLN A 65 -11.39 8.07 14.11
C GLN A 65 -12.48 7.45 15.01
N SER A 66 -13.72 7.46 14.57
CA SER A 66 -14.80 6.81 15.33
C SER A 66 -14.68 5.29 15.43
N LEU A 67 -14.25 4.59 14.38
CA LEU A 67 -14.13 3.13 14.47
C LEU A 67 -12.87 2.76 15.27
N LEU A 68 -11.78 3.49 15.07
CA LEU A 68 -10.47 3.04 15.51
C LEU A 68 -10.05 3.47 16.92
N THR A 69 -10.44 4.67 17.33
CA THR A 69 -10.13 5.13 18.68
C THR A 69 -10.75 4.22 19.75
N SER A 70 -11.98 3.74 19.54
CA SER A 70 -12.59 2.79 20.49
C SER A 70 -11.99 1.35 20.47
N LYS A 71 -11.12 1.00 19.52
CA LYS A 71 -10.36 -0.29 19.57
C LYS A 71 -8.96 -0.16 20.17
N GLY A 72 -8.60 1.04 20.57
CA GLY A 72 -7.34 1.31 21.25
C GLY A 72 -6.27 1.89 20.34
N TYR A 73 -6.64 2.37 19.13
CA TYR A 73 -5.64 2.98 18.22
C TYR A 73 -5.36 4.45 18.37
N THR A 74 -4.09 4.80 18.23
CA THR A 74 -3.62 6.14 18.10
C THR A 74 -3.22 6.34 16.62
N LYS A 75 -3.72 7.42 16.01
CA LYS A 75 -3.24 7.85 14.66
C LYS A 75 -1.89 8.56 14.81
N LEU A 76 -0.85 7.90 14.36
CA LEU A 76 0.49 8.48 14.39
C LEU A 76 0.66 9.62 13.42
N LYS A 77 0.19 9.42 12.17
CA LYS A 77 0.30 10.47 11.20
C LYS A 77 -0.69 10.23 10.04
N ASN A 78 -1.25 11.29 9.50
CA ASN A 78 -1.96 11.30 8.19
C ASN A 78 -1.25 12.30 7.34
N THR A 79 -0.87 11.90 6.13
CA THR A 79 -0.20 12.79 5.22
C THR A 79 -0.98 12.73 3.91
N ILE A 80 -1.31 13.88 3.33
CA ILE A 80 -2.01 13.94 2.08
C ILE A 80 -1.37 14.92 1.09
N THR A 81 -1.31 14.51 -0.17
CA THR A 81 -0.89 15.37 -1.25
C THR A 81 -2.04 15.46 -2.25
N GLU A 82 -1.81 16.01 -3.42
CA GLU A 82 -2.89 16.02 -4.39
C GLU A 82 -3.22 14.64 -4.95
N THR A 83 -2.28 13.69 -4.84
CA THR A 83 -2.49 12.38 -5.44
C THR A 83 -2.33 11.16 -4.55
N MET A 84 -1.83 11.37 -3.33
CA MET A 84 -1.56 10.31 -2.38
C MET A 84 -2.07 10.66 -0.98
N GLY A 85 -2.38 9.62 -0.23
CA GLY A 85 -2.72 9.69 1.18
C GLY A 85 -2.07 8.51 1.89
N LEU A 86 -1.51 8.74 3.07
CA LEU A 86 -0.92 7.67 3.85
C LEU A 86 -1.26 7.98 5.31
N THR A 87 -1.86 7.01 5.96
CA THR A 87 -2.18 7.10 7.38
C THR A 87 -1.64 5.89 8.09
N VAL A 88 -1.04 6.13 9.26
CA VAL A 88 -0.52 5.04 10.06
C VAL A 88 -1.13 5.16 11.48
N TYR A 89 -1.68 4.03 11.93
CA TYR A 89 -2.27 3.88 13.30
C TYR A 89 -1.48 2.83 14.09
N CYS A 90 -1.37 3.04 15.40
CA CYS A 90 -0.75 2.06 16.27
C CYS A 90 -1.52 1.97 17.57
N LEU A 91 -1.67 0.78 18.11
CA LEU A 91 -2.33 0.70 19.45
C LEU A 91 -1.54 1.58 20.44
N GLU A 92 -2.31 2.43 21.13
CA GLU A 92 -1.86 3.33 22.18
C GLU A 92 -0.90 2.66 23.15
N LYS A 93 -1.18 1.42 23.51
CA LYS A 93 -0.42 0.75 24.55
C LYS A 93 1.05 0.48 24.22
N HIS A 94 1.43 0.60 22.95
CA HIS A 94 2.78 0.33 22.53
C HIS A 94 3.69 1.55 22.55
N LEU A 95 3.10 2.73 22.66
CA LEU A 95 3.83 3.98 22.45
C LEU A 95 4.59 4.47 23.70
N ASP A 96 5.78 5.00 23.46
CA ASP A 96 6.56 5.74 24.46
C ASP A 96 7.10 6.96 23.77
N GLN A 97 6.62 8.13 24.18
CA GLN A 97 6.97 9.41 23.56
C GLN A 97 8.47 9.71 23.50
N ASN A 98 9.23 9.24 24.49
CA ASN A 98 10.68 9.45 24.52
C ASN A 98 11.48 8.72 23.46
N THR A 99 10.93 7.65 22.89
CA THR A 99 11.66 6.85 21.90
C THR A 99 10.94 6.71 20.57
N LEU A 100 9.74 7.27 20.45
CA LEU A 100 8.90 6.98 19.28
C LEU A 100 9.50 7.61 18.03
N LYS A 101 10.03 8.80 18.15
CA LYS A 101 10.68 9.47 17.02
C LYS A 101 9.84 9.37 15.74
N ASN A 102 8.62 9.87 15.84
CA ASN A 102 7.67 9.83 14.72
C ASN A 102 8.14 10.81 13.65
N GLU A 103 8.34 10.34 12.40
CA GLU A 103 8.93 11.16 11.35
C GLU A 103 8.35 10.80 10.01
N THR A 104 7.96 11.81 9.23
CA THR A 104 7.49 11.63 7.83
C THR A 104 8.25 12.55 6.88
N ILE A 105 8.58 12.01 5.72
CA ILE A 105 9.05 12.79 4.62
C ILE A 105 8.12 12.60 3.45
N ILE A 106 8.16 13.59 2.61
CA ILE A 106 7.44 13.62 1.35
C ILE A 106 8.50 13.85 0.27
N VAL A 107 8.47 13.04 -0.78
CA VAL A 107 9.36 13.19 -1.91
C VAL A 107 8.55 13.59 -3.14
N THR A 108 9.00 14.62 -3.84
CA THR A 108 8.34 15.14 -5.04
C THR A 108 9.30 14.90 -6.17
N VAL A 109 8.84 14.37 -7.30
CA VAL A 109 9.72 14.12 -8.42
C VAL A 109 9.47 15.11 -9.59
N ASP A 110 8.30 15.75 -9.61
CA ASP A 110 7.91 16.66 -10.68
C ASP A 110 7.59 18.09 -10.14
N ASP A 111 7.60 19.10 -11.00
CA ASP A 111 7.27 20.46 -10.56
C ASP A 111 5.79 20.72 -10.16
N GLN A 112 4.87 19.83 -10.51
CA GLN A 112 3.47 19.92 -10.07
C GLN A 112 3.20 19.14 -8.76
N LYS A 113 4.22 18.46 -8.24
CA LYS A 113 4.07 17.69 -7.00
C LYS A 113 3.04 16.56 -7.06
N LYS A 114 2.85 15.95 -8.25
CA LYS A 114 1.83 14.90 -8.45
C LYS A 114 2.42 13.51 -8.25
N SER A 115 3.70 13.30 -8.58
CA SER A 115 4.39 12.04 -8.41
C SER A 115 5.46 12.07 -7.34
N GLY A 116 5.71 10.94 -6.72
CA GLY A 116 6.70 10.87 -5.68
C GLY A 116 6.25 9.84 -4.65
N GLY A 117 6.39 10.17 -3.36
CA GLY A 117 5.93 9.30 -2.35
C GLY A 117 6.03 9.91 -0.96
N ILE A 118 5.66 9.09 0.01
CA ILE A 118 5.58 9.49 1.43
C ILE A 118 6.20 8.36 2.19
N VAL A 119 7.02 8.67 3.20
CA VAL A 119 7.49 7.65 4.14
C VAL A 119 7.24 8.10 5.56
N THR A 120 6.53 7.28 6.30
CA THR A 120 6.23 7.55 7.73
C THR A 120 6.90 6.47 8.54
N SER A 121 7.70 6.90 9.54
CA SER A 121 8.48 5.99 10.35
C SER A 121 8.26 6.29 11.85
N PHE A 122 8.39 5.26 12.62
CA PHE A 122 8.33 5.36 14.11
C PHE A 122 8.93 4.17 14.78
N THR A 123 9.28 4.32 16.07
CA THR A 123 9.89 3.23 16.78
C THR A 123 9.04 2.81 17.97
N ILE A 124 8.79 1.51 18.11
CA ILE A 124 8.20 0.94 19.32
C ILE A 124 9.05 -0.26 19.73
N TYR A 125 9.29 -0.41 21.04
CA TYR A 125 10.12 -1.51 21.54
C TYR A 125 11.52 -1.48 20.94
N ASN A 126 12.02 -0.26 20.72
CA ASN A 126 13.34 -0.02 20.14
C ASN A 126 13.53 -0.66 18.73
N LYS A 127 12.41 -0.88 18.03
CA LYS A 127 12.44 -1.39 16.64
C LYS A 127 11.78 -0.37 15.76
N ARG A 128 12.40 -0.08 14.61
CA ARG A 128 11.93 1.00 13.71
C ARG A 128 11.12 0.42 12.56
N PHE A 129 9.91 0.94 12.48
CA PHE A 129 8.99 0.64 11.35
C PHE A 129 9.00 1.79 10.37
N SER A 130 8.91 1.51 9.05
CA SER A 130 8.75 2.50 8.02
C SER A 130 7.68 1.98 7.08
N PHE A 131 6.77 2.90 6.75
CA PHE A 131 5.72 2.69 5.74
C PHE A 131 5.87 3.72 4.64
N THR A 132 5.95 3.20 3.39
CA THR A 132 6.04 3.99 2.21
C THR A 132 4.81 3.81 1.32
N THR A 133 4.36 4.90 0.72
CA THR A 133 3.55 4.81 -0.50
C THR A 133 4.15 5.67 -1.57
N SER A 134 3.79 5.39 -2.83
CA SER A 134 4.37 6.09 -3.93
C SER A 134 3.42 6.16 -5.10
N ARG A 135 3.74 7.04 -6.01
CA ARG A 135 2.85 7.31 -7.17
C ARG A 135 3.65 7.79 -8.36
N MET A 136 3.47 7.16 -9.51
CA MET A 136 4.12 7.62 -10.71
C MET A 136 3.18 7.56 -11.88
N SER A 137 3.36 8.52 -12.80
CA SER A 137 2.69 8.51 -14.08
C SER A 137 3.43 7.82 -15.18
N ASP A 138 2.74 7.25 -16.14
CA ASP A 138 3.41 6.61 -17.25
C ASP A 138 4.28 7.56 -18.02
N GLU A 139 3.92 8.84 -18.06
CA GLU A 139 4.55 9.81 -18.97
C GLU A 139 5.77 10.52 -18.32
N ASP A 140 5.98 10.33 -17.02
CA ASP A 140 6.95 11.04 -16.25
C ASP A 140 8.41 10.79 -16.64
N VAL A 141 9.23 11.83 -16.63
CA VAL A 141 10.67 11.70 -16.60
C VAL A 141 10.96 11.48 -15.15
N THR A 142 11.91 10.59 -14.88
CA THR A 142 12.17 10.07 -13.55
C THR A 142 13.65 9.80 -13.22
N SER A 143 13.96 9.62 -11.94
CA SER A 143 15.32 9.30 -11.56
C SER A 143 15.77 7.90 -11.97
N THR A 144 14.82 7.02 -12.30
CA THR A 144 15.16 5.69 -12.74
C THR A 144 15.08 5.52 -14.26
N ASN A 145 14.58 6.52 -14.97
CA ASN A 145 14.18 6.38 -16.38
C ASN A 145 13.24 5.20 -16.68
N THR A 146 12.46 4.86 -15.69
CA THR A 146 11.31 3.95 -15.85
C THR A 146 10.03 4.64 -15.35
N LYS A 147 8.91 3.97 -15.63
CA LYS A 147 7.59 4.43 -15.20
C LYS A 147 7.23 3.97 -13.79
N TYR A 148 8.09 3.15 -13.18
CA TYR A 148 7.74 2.53 -11.91
C TYR A 148 7.84 3.54 -10.78
N ALA A 149 6.97 3.36 -9.78
CA ALA A 149 6.91 4.27 -8.64
C ALA A 149 7.94 3.91 -7.56
N TYR A 150 9.21 3.95 -7.95
CA TYR A 150 10.34 3.75 -7.07
C TYR A 150 11.20 5.03 -7.07
N ASP A 151 11.70 5.40 -5.90
CA ASP A 151 12.79 6.36 -5.80
C ASP A 151 13.62 5.92 -4.62
N THR A 152 14.94 6.06 -4.70
CA THR A 152 15.78 5.52 -3.61
C THR A 152 15.55 6.31 -2.32
N ARG A 153 15.11 7.55 -2.43
CA ARG A 153 14.83 8.37 -1.25
C ARG A 153 13.67 7.81 -0.41
N LEU A 154 12.81 6.97 -1.03
CA LEU A 154 11.65 6.41 -0.36
C LEU A 154 11.93 5.07 0.23
N ASP A 155 13.16 4.56 0.03
CA ASP A 155 13.61 3.21 0.39
C ASP A 155 14.52 3.27 1.63
N TYR A 156 13.96 3.00 2.81
CA TYR A 156 14.67 3.10 4.08
C TYR A 156 15.42 1.84 4.42
N SER A 157 15.55 0.93 3.48
CA SER A 157 16.47 -0.18 3.57
C SER A 157 17.82 0.24 2.96
N LYS A 158 17.86 1.39 2.24
CA LYS A 158 19.07 1.99 1.65
C LYS A 158 19.43 3.26 2.45
N LYS A 159 19.48 3.06 3.75
CA LYS A 159 20.02 4.05 4.66
C LYS A 159 21.18 3.34 5.34
N ASP A 160 22.08 4.11 5.92
CA ASP A 160 23.23 3.56 6.65
C ASP A 160 22.74 2.75 7.86
N ASP A 161 21.56 3.15 8.33
N ASP A 161 21.65 3.21 8.43
CA ASP A 161 20.93 2.66 9.54
CA ASP A 161 20.99 2.55 9.54
C ASP A 161 19.52 2.18 9.17
C ASP A 161 19.58 2.20 9.11
N PRO A 162 19.41 1.07 8.43
CA PRO A 162 18.10 0.74 7.85
C PRO A 162 17.07 0.39 8.93
N SER A 163 15.79 0.65 8.65
CA SER A 163 14.70 0.31 9.54
C SER A 163 14.63 -1.20 9.77
N ASP A 164 14.03 -1.62 10.89
CA ASP A 164 13.86 -3.06 11.14
C ASP A 164 12.71 -3.72 10.32
N PHE A 165 11.61 -2.98 10.17
CA PHE A 165 10.40 -3.50 9.45
C PHE A 165 9.94 -2.44 8.48
N LEU A 166 9.91 -2.85 7.19
CA LEU A 166 9.58 -1.94 6.08
C LEU A 166 8.44 -2.48 5.25
N PHE A 167 7.50 -1.59 4.96
CA PHE A 167 6.38 -1.91 4.09
C PHE A 167 6.22 -0.79 3.05
N TRP A 168 5.89 -1.19 1.84
CA TRP A 168 5.67 -0.29 0.73
C TRP A 168 4.35 -0.70 0.12
N ILE A 169 3.40 0.21 0.14
CA ILE A 169 2.00 -0.11 -0.23
C ILE A 169 1.46 0.95 -1.15
N GLY A 170 0.74 0.51 -2.18
CA GLY A 170 0.18 1.43 -3.17
C GLY A 170 0.21 0.82 -4.55
N ASP A 171 -0.22 1.59 -5.50
CA ASP A 171 -0.15 1.26 -6.90
C ASP A 171 1.23 1.68 -7.36
N LEU A 172 2.06 0.68 -7.61
CA LEU A 172 3.47 0.91 -7.98
C LEU A 172 3.69 1.29 -9.44
N ASN A 173 2.61 1.35 -10.19
CA ASN A 173 2.66 1.60 -11.62
C ASN A 173 3.30 0.44 -12.39
N VAL A 174 3.23 -0.71 -11.77
CA VAL A 174 3.64 -1.97 -12.37
C VAL A 174 2.38 -2.61 -13.00
N ARG A 175 2.52 -3.08 -14.23
CA ARG A 175 1.41 -3.66 -14.96
C ARG A 175 1.76 -5.01 -15.57
N VAL A 176 0.79 -5.65 -16.19
CA VAL A 176 0.98 -6.93 -16.88
C VAL A 176 1.32 -6.62 -18.31
N GLU A 177 2.49 -7.06 -18.77
CA GLU A 177 2.99 -6.77 -20.09
C GLU A 177 2.67 -7.87 -21.09
N THR A 178 1.39 -7.96 -21.40
CA THR A 178 0.91 -8.78 -22.50
C THR A 178 -0.41 -8.19 -23.02
N ASN A 179 -0.98 -8.80 -24.06
CA ASN A 179 -2.22 -8.31 -24.61
C ASN A 179 -3.40 -8.73 -23.76
N ALA A 180 -4.49 -7.98 -23.90
CA ALA A 180 -5.69 -8.20 -23.10
C ALA A 180 -6.33 -9.58 -23.35
N THR A 181 -6.29 -10.05 -24.57
CA THR A 181 -6.95 -11.34 -24.87
C THR A 181 -6.27 -12.49 -24.10
N HIS A 182 -4.94 -12.54 -24.16
CA HIS A 182 -4.20 -13.58 -23.49
C HIS A 182 -4.36 -13.45 -21.97
N ALA A 183 -4.28 -12.23 -21.47
CA ALA A 183 -4.41 -12.03 -20.06
C ALA A 183 -5.79 -12.49 -19.57
N LYS A 184 -6.85 -12.10 -20.29
CA LYS A 184 -8.19 -12.52 -19.86
C LYS A 184 -8.37 -14.03 -19.95
N SER A 185 -7.77 -14.67 -20.96
CA SER A 185 -7.79 -16.13 -21.00
C SER A 185 -7.16 -16.74 -19.79
N LEU A 186 -5.98 -16.24 -19.37
CA LEU A 186 -5.31 -16.76 -18.19
C LEU A 186 -6.15 -16.50 -16.90
N VAL A 187 -6.82 -15.36 -16.81
CA VAL A 187 -7.73 -15.10 -15.70
C VAL A 187 -8.85 -16.16 -15.71
N ASP A 188 -9.46 -16.37 -16.87
CA ASP A 188 -10.60 -17.30 -16.95
C ASP A 188 -10.19 -18.72 -16.59
N GLN A 189 -8.94 -19.10 -16.81
CA GLN A 189 -8.40 -20.39 -16.44
C GLN A 189 -7.88 -20.40 -15.00
N ASN A 190 -7.96 -19.28 -14.30
CA ASN A 190 -7.33 -19.12 -12.99
C ASN A 190 -5.85 -19.46 -12.95
N ASN A 191 -5.14 -19.11 -14.03
CA ASN A 191 -3.73 -19.34 -14.06
C ASN A 191 -3.00 -18.06 -13.62
N ILE A 192 -3.02 -17.84 -12.33
CA ILE A 192 -2.51 -16.60 -11.72
C ILE A 192 -1.03 -16.55 -11.89
N ASP A 193 -0.34 -17.65 -11.66
CA ASP A 193 1.12 -17.65 -11.77
C ASP A 193 1.53 -17.47 -13.24
N GLY A 194 0.74 -18.02 -14.16
CA GLY A 194 1.00 -17.87 -15.56
C GLY A 194 0.88 -16.44 -16.04
N LEU A 195 -0.09 -15.74 -15.52
CA LEU A 195 -0.25 -14.33 -15.87
C LEU A 195 0.78 -13.46 -15.14
N MET A 196 1.09 -13.78 -13.89
CA MET A 196 2.18 -13.10 -13.15
C MET A 196 3.52 -13.18 -13.85
N ALA A 197 3.70 -14.18 -14.70
CA ALA A 197 4.94 -14.25 -15.49
C ALA A 197 5.18 -13.00 -16.37
N PHE A 198 4.09 -12.29 -16.69
CA PHE A 198 4.13 -11.08 -17.54
C PHE A 198 4.11 -9.79 -16.70
N ASP A 199 3.92 -9.91 -15.39
CA ASP A 199 3.96 -8.77 -14.51
C ASP A 199 5.32 -8.10 -14.48
N GLN A 200 5.30 -6.75 -14.38
CA GLN A 200 6.53 -5.97 -14.47
C GLN A 200 7.37 -5.84 -13.19
N LEU A 201 6.90 -6.36 -12.05
CA LEU A 201 7.68 -6.21 -10.84
C LEU A 201 9.04 -6.87 -11.03
N LYS A 202 9.08 -8.04 -11.64
CA LYS A 202 10.39 -8.69 -11.83
C LYS A 202 11.29 -7.91 -12.76
N LYS A 203 10.71 -7.22 -13.74
CA LYS A 203 11.47 -6.33 -14.62
C LYS A 203 12.05 -5.14 -13.90
N ALA A 204 11.25 -4.52 -13.04
CA ALA A 204 11.74 -3.46 -12.14
C ALA A 204 12.89 -3.96 -11.29
N LYS A 205 12.78 -5.15 -10.74
CA LYS A 205 13.86 -5.68 -9.95
C LYS A 205 15.08 -5.99 -10.76
N GLU A 206 14.93 -6.39 -12.00
CA GLU A 206 16.11 -6.66 -12.87
C GLU A 206 16.90 -5.37 -13.08
N GLN A 207 16.20 -4.24 -13.13
CA GLN A 207 16.75 -2.88 -13.20
C GLN A 207 17.18 -2.30 -11.85
N LYS A 208 17.26 -3.14 -10.83
CA LYS A 208 17.70 -2.76 -9.50
C LYS A 208 16.76 -1.78 -8.78
N LEU A 209 15.48 -1.84 -9.10
CA LEU A 209 14.46 -1.14 -8.34
C LEU A 209 13.78 -2.14 -7.39
N PHE A 210 13.35 -1.65 -6.25
CA PHE A 210 12.68 -2.49 -5.25
C PHE A 210 13.61 -3.68 -4.87
N ASP A 211 14.93 -3.40 -4.78
CA ASP A 211 15.93 -4.42 -4.53
C ASP A 211 15.71 -5.07 -3.20
N GLY A 212 15.50 -6.40 -3.16
CA GLY A 212 15.39 -7.05 -1.86
C GLY A 212 14.01 -6.97 -1.21
N TRP A 213 13.06 -6.37 -1.90
CA TRP A 213 11.68 -6.28 -1.42
C TRP A 213 10.93 -7.48 -1.89
N THR A 214 10.10 -8.03 -1.02
CA THR A 214 9.37 -9.24 -1.31
C THR A 214 7.89 -8.93 -1.36
N GLU A 215 7.19 -9.53 -2.33
CA GLU A 215 5.74 -9.46 -2.34
C GLU A 215 5.24 -10.80 -1.82
N PRO A 216 4.27 -10.82 -0.93
CA PRO A 216 3.62 -12.10 -0.60
C PRO A 216 3.08 -12.82 -1.87
N GLN A 217 2.98 -14.15 -1.85
CA GLN A 217 2.38 -14.89 -2.97
C GLN A 217 0.99 -14.33 -3.33
N VAL A 218 0.80 -14.08 -4.62
CA VAL A 218 -0.48 -13.58 -5.14
C VAL A 218 -1.32 -14.77 -5.63
N THR A 219 -2.50 -14.96 -5.08
CA THR A 219 -3.44 -16.02 -5.48
C THR A 219 -4.73 -15.46 -6.00
N PHE A 220 -4.85 -14.13 -6.03
CA PHE A 220 -6.05 -13.45 -6.44
C PHE A 220 -5.93 -12.94 -7.89
N LYS A 221 -7.07 -12.76 -8.55
CA LYS A 221 -7.10 -12.23 -9.91
C LYS A 221 -6.71 -10.76 -9.94
N PRO A 222 -6.31 -10.28 -11.10
CA PRO A 222 -5.99 -8.87 -11.26
C PRO A 222 -7.05 -7.96 -10.68
N THR A 223 -6.59 -6.89 -10.05
CA THR A 223 -7.46 -5.95 -9.35
C THR A 223 -7.88 -4.76 -10.20
N TYR A 224 -7.56 -4.77 -11.49
CA TYR A 224 -7.82 -3.70 -12.43
C TYR A 224 -7.82 -4.32 -13.82
N LYS A 225 -8.52 -3.75 -14.80
CA LYS A 225 -9.43 -2.62 -14.66
C LYS A 225 -10.86 -3.14 -14.78
N PHE A 226 -11.74 -2.74 -13.86
CA PHE A 226 -13.11 -3.23 -13.76
C PHE A 226 -14.07 -2.18 -14.23
N LYS A 227 -15.21 -2.66 -14.70
CA LYS A 227 -16.38 -1.78 -14.86
C LYS A 227 -16.96 -1.54 -13.45
N PRO A 228 -17.07 -0.29 -12.97
CA PRO A 228 -17.57 -0.02 -11.60
C PRO A 228 -18.86 -0.73 -11.24
N ASN A 229 -18.95 -1.22 -10.00
CA ASN A 229 -20.10 -1.98 -9.43
C ASN A 229 -20.23 -3.42 -9.93
N THR A 230 -19.37 -3.82 -10.87
CA THR A 230 -19.44 -5.14 -11.48
C THR A 230 -18.16 -5.85 -11.12
N ASP A 231 -18.09 -7.12 -11.54
CA ASP A 231 -16.90 -7.95 -11.50
C ASP A 231 -16.41 -8.18 -12.93
N GLU A 232 -16.83 -7.32 -13.84
CA GLU A 232 -16.47 -7.48 -15.24
C GLU A 232 -15.22 -6.66 -15.58
N TYR A 233 -14.21 -7.27 -16.17
CA TYR A 233 -13.05 -6.51 -16.65
C TYR A 233 -13.41 -5.60 -17.81
N ASP A 234 -12.97 -4.35 -17.71
CA ASP A 234 -12.90 -3.43 -18.81
C ASP A 234 -11.61 -3.70 -19.60
N LEU A 235 -11.75 -4.36 -20.72
CA LEU A 235 -10.62 -4.89 -21.43
C LEU A 235 -9.98 -3.89 -22.39
N SER A 236 -10.31 -2.60 -22.20
CA SER A 236 -9.55 -1.47 -22.72
C SER A 236 -8.16 -1.36 -22.08
N ALA A 237 -7.96 -2.05 -20.96
CA ALA A 237 -6.63 -2.21 -20.39
C ALA A 237 -6.39 -3.69 -20.11
N THR A 238 -5.13 -4.11 -20.25
CA THR A 238 -4.78 -5.47 -19.85
C THR A 238 -4.97 -5.62 -18.39
N PRO A 239 -5.74 -6.61 -17.96
CA PRO A 239 -5.91 -6.82 -16.53
C PRO A 239 -4.56 -6.89 -15.82
N SER A 240 -4.46 -6.18 -14.68
CA SER A 240 -3.16 -6.06 -13.97
C SER A 240 -3.40 -6.02 -12.48
N TRP A 241 -2.32 -6.25 -11.78
CA TRP A 241 -2.23 -6.08 -10.31
C TRP A 241 -1.67 -4.71 -10.02
N THR A 242 -2.54 -3.80 -9.60
CA THR A 242 -2.17 -2.39 -9.44
C THR A 242 -1.70 -2.08 -8.03
N ASP A 243 -2.57 -2.27 -7.06
CA ASP A 243 -2.23 -2.11 -5.65
C ASP A 243 -1.44 -3.32 -5.19
N ARG A 244 -0.28 -3.07 -4.55
CA ARG A 244 0.67 -4.07 -4.14
C ARG A 244 1.11 -3.77 -2.73
N ALA A 245 1.54 -4.82 -2.05
CA ALA A 245 2.24 -4.71 -0.73
C ALA A 245 3.57 -5.39 -0.81
N LEU A 246 4.63 -4.65 -0.48
CA LEU A 246 5.99 -5.19 -0.45
C LEU A 246 6.50 -5.08 0.97
N TYR A 247 7.38 -6.04 1.35
CA TYR A 247 7.97 -5.97 2.68
C TYR A 247 9.44 -6.32 2.68
N LYS A 248 10.12 -5.77 3.67
CA LYS A 248 11.53 -6.16 3.90
C LYS A 248 11.95 -5.72 5.29
N SER A 249 13.07 -6.31 5.73
CA SER A 249 13.75 -5.93 6.94
C SER A 249 15.15 -5.53 6.57
N GLY A 250 15.60 -4.41 7.12
CA GLY A 250 17.02 -4.02 7.02
C GLY A 250 17.95 -4.75 7.97
N THR A 251 17.40 -5.43 8.96
CA THR A 251 18.23 -5.96 10.09
C THR A 251 18.05 -7.45 10.36
N GLY A 252 17.51 -8.18 9.39
CA GLY A 252 17.39 -9.61 9.46
C GLY A 252 16.20 -10.13 10.26
N LYS A 253 15.23 -9.24 10.53
CA LYS A 253 14.01 -9.60 11.27
C LYS A 253 13.07 -10.38 10.38
N THR A 254 12.37 -11.34 10.96
CA THR A 254 11.39 -12.15 10.25
C THR A 254 10.08 -11.38 10.13
N ILE A 255 9.58 -11.30 8.91
CA ILE A 255 8.29 -10.74 8.56
C ILE A 255 7.60 -11.85 7.78
N GLN A 256 6.49 -12.33 8.34
CA GLN A 256 5.73 -13.42 7.79
C GLN A 256 4.37 -12.95 7.30
N PRO A 257 4.13 -12.88 6.00
CA PRO A 257 2.76 -12.64 5.55
C PRO A 257 1.81 -13.78 6.02
N LEU A 258 0.69 -13.37 6.56
CA LEU A 258 -0.40 -14.28 6.94
C LEU A 258 -1.40 -14.43 5.85
N SER A 259 -1.70 -13.32 5.19
CA SER A 259 -2.68 -13.31 4.13
C SER A 259 -2.43 -12.07 3.26
N TYR A 260 -2.83 -12.19 2.01
CA TYR A 260 -2.68 -11.16 1.01
C TYR A 260 -3.81 -11.38 0.04
N ASN A 261 -4.71 -10.43 -0.05
N ASN A 261 -4.72 -10.44 -0.02
CA ASN A 261 -5.85 -10.61 -0.92
CA ASN A 261 -5.98 -10.63 -0.72
C ASN A 261 -6.46 -9.31 -1.32
C ASN A 261 -6.50 -9.33 -1.26
N SER A 262 -7.06 -9.35 -2.49
CA SER A 262 -7.88 -8.27 -2.94
C SER A 262 -9.23 -8.36 -2.19
N LEU A 263 -9.90 -7.21 -2.07
CA LEU A 263 -11.24 -7.14 -1.41
C LEU A 263 -12.26 -6.86 -2.46
N THR A 264 -12.76 -7.95 -3.06
CA THR A 264 -13.66 -7.87 -4.20
C THR A 264 -15.03 -7.34 -3.84
N ASN A 265 -15.43 -7.47 -2.58
CA ASN A 265 -16.69 -6.92 -2.08
C ASN A 265 -16.72 -5.41 -2.18
N TYR A 266 -15.54 -4.76 -2.20
CA TYR A 266 -15.47 -3.32 -2.50
C TYR A 266 -15.36 -3.12 -3.98
N LYS A 267 -16.49 -2.90 -4.66
CA LYS A 267 -16.49 -2.89 -6.13
C LYS A 267 -16.80 -1.59 -6.72
N GLN A 268 -16.81 -0.52 -5.95
CA GLN A 268 -17.42 0.73 -6.42
C GLN A 268 -16.52 1.40 -7.44
N THR A 269 -15.32 0.86 -7.67
CA THR A 269 -14.49 1.49 -8.66
C THR A 269 -13.63 0.51 -9.54
N GLU A 270 -12.81 1.11 -10.36
CA GLU A 270 -12.02 0.40 -11.36
C GLU A 270 -10.93 -0.50 -10.80
N HIS A 271 -10.40 -0.16 -9.63
CA HIS A 271 -9.42 -0.98 -8.94
C HIS A 271 -10.07 -1.51 -7.67
N ARG A 272 -9.62 -2.67 -7.20
CA ARG A 272 -10.08 -3.23 -5.96
C ARG A 272 -8.98 -3.08 -4.90
N PRO A 273 -9.33 -2.77 -3.66
CA PRO A 273 -8.34 -2.64 -2.61
C PRO A 273 -7.63 -3.94 -2.33
N VAL A 274 -6.37 -3.83 -1.81
CA VAL A 274 -5.59 -4.95 -1.46
C VAL A 274 -5.17 -4.84 0.02
N LEU A 275 -5.45 -5.91 0.78
CA LEU A 275 -5.24 -6.05 2.19
C LEU A 275 -4.18 -7.11 2.43
N ALA A 276 -3.12 -6.75 3.15
CA ALA A 276 -2.09 -7.68 3.57
C ALA A 276 -2.05 -7.65 5.10
N LYS A 277 -1.80 -8.82 5.64
CA LYS A 277 -1.65 -9.04 7.09
C LYS A 277 -0.30 -9.74 7.31
N PHE A 278 0.47 -9.20 8.26
CA PHE A 278 1.78 -9.73 8.56
C PHE A 278 1.93 -9.95 10.06
N ARG A 279 2.81 -10.89 10.36
CA ARG A 279 3.30 -11.08 11.73
C ARG A 279 4.81 -10.87 11.66
N VAL A 280 5.28 -9.90 12.43
CA VAL A 280 6.70 -9.59 12.54
C VAL A 280 7.30 -10.03 13.87
N THR A 281 8.52 -10.51 13.85
CA THR A 281 9.23 -11.03 15.03
C THR A 281 10.32 -10.07 15.43
N LEU A 282 10.21 -9.51 16.63
CA LEU A 282 11.15 -8.54 17.15
C LEU A 282 12.43 -9.26 17.63
#